data_2AK1
#
_entry.id   2AK1
#
_cell.length_a   82.595
_cell.length_b   89.106
_cell.length_c   153.454
_cell.angle_alpha   90.00
_cell.angle_beta   90.00
_cell.angle_gamma   90.00
#
_symmetry.space_group_name_H-M   'C 2 2 21'
#
loop_
_entity.id
_entity.type
_entity.pdbx_description
1 polymer "Antibody 7A1 Fab'"
2 polymer "Antibody 7A1 Fab'"
3 non-polymer 'ZINC ION'
4 non-polymer 'BENZOIC ACID'
5 water water
#
loop_
_entity_poly.entity_id
_entity_poly.type
_entity_poly.pdbx_seq_one_letter_code
_entity_poly.pdbx_strand_id
1 'polypeptide(L)'
;DIVITQDELSNPVTSGESVSISCRSSRSLLYKDGRTYLNWFLQRPGQSPQLLIYLMSTRASGVSDRFSGSGSGTDFTLEI
SRVKAEDVGVYYCQQFVEYPFTFGSGTKLEIKRADAAPTVSIFPPSSEQLTSGGASVVCFLNNFYPKDINVKWKIDGSER
QNGVLNSWTDQDSKDSTYSMSSTLTLTKDEYERHNSYTCEATHKTSTSPIVKSFNR
;
L
2 'polypeptide(L)'
;EVKLSESGPGLVKPSQSLSLTCTVTGYSITTNYAWTWIRQFPGNKLEWMGYIRSSVITRYNPSLKSRISITQDTSKNQFF
LQLNSVTTEDTATYYCARYDYYGNTGDYWGQGTSVTVSSAKTTPPSVYPLAPGTAALKSSMVTLGCLVKGYFPEPVTVTW
NSGSLSSGVHTFPAVLQSDLYTLTSSVTVPSSTWPSQTVTCNVAHPASSTKVDKKIVPR
;
H
#
# COMPACT_ATOMS: atom_id res chain seq x y z
N ASP A 1 -18.49 -14.34 15.73
CA ASP A 1 -19.85 -14.64 15.21
C ASP A 1 -20.56 -13.38 14.69
N ILE A 2 -20.27 -12.23 15.28
CA ILE A 2 -20.88 -10.99 14.86
C ILE A 2 -20.34 -10.57 13.49
N VAL A 3 -21.24 -10.38 12.53
CA VAL A 3 -20.85 -9.97 11.19
C VAL A 3 -21.19 -8.50 10.99
N ILE A 4 -20.28 -7.77 10.35
CA ILE A 4 -20.49 -6.35 10.09
C ILE A 4 -20.43 -6.10 8.59
N THR A 5 -21.42 -5.38 8.07
CA THR A 5 -21.48 -5.10 6.64
C THR A 5 -21.18 -3.63 6.31
N GLN A 6 -20.54 -3.44 5.16
CA GLN A 6 -20.18 -2.10 4.66
C GLN A 6 -20.13 -2.17 3.14
N ASP A 7 -20.50 -1.08 2.49
CA ASP A 7 -20.46 -1.02 1.03
C ASP A 7 -19.00 -0.91 0.59
N GLU A 8 -18.66 -1.64 -0.48
CA GLU A 8 -17.30 -1.65 -1.01
C GLU A 8 -16.82 -0.24 -1.36
N LEU A 9 -17.67 0.52 -2.04
CA LEU A 9 -17.33 1.88 -2.46
C LEU A 9 -18.45 2.87 -2.18
N SER A 10 -18.13 4.15 -2.33
CA SER A 10 -19.09 5.21 -2.15
C SER A 10 -19.12 5.97 -3.48
N ASN A 11 -20.22 6.67 -3.75
CA ASN A 11 -20.32 7.44 -4.99
C ASN A 11 -19.18 8.45 -4.91
N PRO A 12 -18.59 8.83 -6.05
CA PRO A 12 -17.50 9.81 -5.96
C PRO A 12 -17.91 11.13 -5.30
N VAL A 13 -17.14 11.55 -4.31
CA VAL A 13 -17.42 12.78 -3.59
C VAL A 13 -16.48 13.89 -4.00
N THR A 14 -17.03 15.09 -4.20
CA THR A 14 -16.22 16.23 -4.59
C THR A 14 -15.66 16.91 -3.35
N SER A 15 -14.42 17.40 -3.45
CA SER A 15 -13.80 18.10 -2.34
C SER A 15 -14.72 19.23 -1.92
N GLY A 16 -14.98 19.36 -0.62
CA GLY A 16 -15.86 20.41 -0.14
C GLY A 16 -17.20 19.85 0.30
N GLU A 17 -17.61 18.73 -0.31
CA GLU A 17 -18.86 18.08 0.03
C GLU A 17 -18.65 17.23 1.28
N SER A 18 -19.75 16.89 1.94
CA SER A 18 -19.70 16.05 3.12
C SER A 18 -20.29 14.71 2.72
N VAL A 19 -19.83 13.63 3.36
CA VAL A 19 -20.35 12.31 3.04
C VAL A 19 -20.51 11.46 4.29
N SER A 20 -21.46 10.53 4.25
CA SER A 20 -21.71 9.63 5.37
C SER A 20 -21.40 8.20 4.95
N ILE A 21 -20.65 7.50 5.80
CA ILE A 21 -20.28 6.11 5.53
C ILE A 21 -21.06 5.25 6.52
N SER A 22 -21.67 4.17 6.01
CA SER A 22 -22.48 3.29 6.85
C SER A 22 -21.83 1.96 7.22
N CYS A 23 -22.29 1.42 8.34
CA CYS A 23 -21.80 0.15 8.87
C CYS A 23 -22.92 -0.46 9.72
N ARG A 24 -23.28 -1.70 9.43
CA ARG A 24 -24.33 -2.36 10.19
C ARG A 24 -23.88 -3.66 10.82
N SER A 25 -24.31 -3.89 12.06
CA SER A 25 -23.95 -5.09 12.80
C SER A 25 -25.11 -6.08 12.90
N SER A 26 -24.79 -7.37 12.97
CA SER A 26 -25.78 -8.42 13.08
C SER A 26 -26.35 -8.51 14.49
N ARG A 27 -25.70 -7.82 15.43
CA ARG A 27 -26.14 -7.80 16.83
C ARG A 27 -25.91 -6.41 17.41
N SER A 28 -26.67 -6.06 18.43
CA SER A 28 -26.51 -4.74 19.05
C SER A 28 -25.12 -4.64 19.67
N LEU A 29 -24.53 -3.44 19.59
CA LEU A 29 -23.21 -3.20 20.14
C LEU A 29 -23.30 -2.37 21.42
N LEU A 30 -24.51 -2.14 21.87
CA LEU A 30 -24.73 -1.37 23.09
C LEU A 30 -24.42 -2.29 24.27
N TYR A 31 -23.61 -1.82 25.20
CA TYR A 31 -23.24 -2.63 26.35
C TYR A 31 -24.03 -2.25 27.59
N LYS A 32 -24.03 -3.15 28.58
CA LYS A 32 -24.75 -2.93 29.83
C LYS A 32 -24.35 -1.66 30.58
N ASP A 33 -23.32 -0.97 30.10
CA ASP A 33 -22.86 0.27 30.73
C ASP A 33 -23.39 1.50 30.01
N GLY A 34 -24.25 1.29 29.01
CA GLY A 34 -24.82 2.39 28.27
C GLY A 34 -23.96 2.87 27.10
N ARG A 35 -22.75 2.33 26.98
CA ARG A 35 -21.84 2.70 25.91
C ARG A 35 -21.93 1.72 24.76
N THR A 36 -21.76 2.22 23.54
CA THR A 36 -21.80 1.36 22.36
C THR A 36 -20.35 1.20 21.90
N TYR A 37 -19.88 -0.03 21.83
CA TYR A 37 -18.50 -0.30 21.45
C TYR A 37 -18.27 -0.51 19.96
N LEU A 38 -18.16 0.60 19.25
CA LEU A 38 -17.92 0.59 17.81
C LEU A 38 -16.78 1.55 17.49
N ASN A 39 -15.84 1.10 16.66
CA ASN A 39 -14.70 1.91 16.25
C ASN A 39 -14.76 2.21 14.77
N TRP A 40 -14.17 3.34 14.38
CA TRP A 40 -14.09 3.75 12.97
C TRP A 40 -12.62 4.03 12.67
N PHE A 41 -12.10 3.37 11.64
CA PHE A 41 -10.71 3.55 11.24
C PHE A 41 -10.60 4.02 9.79
N LEU A 42 -9.50 4.73 9.53
CA LEU A 42 -9.19 5.20 8.19
C LEU A 42 -7.83 4.60 7.84
N GLN A 43 -7.72 3.96 6.68
CA GLN A 43 -6.44 3.42 6.27
C GLN A 43 -6.08 3.92 4.87
N ARG A 44 -4.94 4.58 4.77
CA ARG A 44 -4.45 5.09 3.49
C ARG A 44 -3.54 4.04 2.89
N PRO A 45 -3.33 4.06 1.55
CA PRO A 45 -2.46 3.08 0.90
C PRO A 45 -1.07 2.98 1.52
N GLY A 46 -0.68 1.76 1.89
CA GLY A 46 0.63 1.54 2.48
C GLY A 46 0.79 2.09 3.89
N GLN A 47 -0.31 2.56 4.47
CA GLN A 47 -0.28 3.11 5.83
C GLN A 47 -1.03 2.17 6.76
N SER A 48 -0.71 2.23 8.05
CA SER A 48 -1.38 1.41 9.05
C SER A 48 -2.72 2.08 9.34
N PRO A 49 -3.70 1.30 9.83
CA PRO A 49 -5.02 1.88 10.15
C PRO A 49 -4.84 3.01 11.16
N GLN A 50 -5.69 4.03 11.07
CA GLN A 50 -5.66 5.17 11.99
C GLN A 50 -7.04 5.32 12.63
N LEU A 51 -7.10 5.26 13.95
CA LEU A 51 -8.36 5.37 14.66
C LEU A 51 -8.95 6.78 14.57
N LEU A 52 -10.21 6.86 14.18
CA LEU A 52 -10.90 8.14 14.06
C LEU A 52 -11.90 8.28 15.19
N ILE A 53 -12.70 7.24 15.39
CA ILE A 53 -13.74 7.26 16.42
C ILE A 53 -13.82 5.95 17.20
N TYR A 54 -14.03 6.04 18.50
CA TYR A 54 -14.21 4.87 19.34
C TYR A 54 -15.45 5.12 20.19
N LEU A 55 -16.02 4.07 20.75
CA LEU A 55 -17.24 4.20 21.56
C LEU A 55 -18.32 4.88 20.72
N MET A 56 -18.38 4.48 19.45
CA MET A 56 -19.35 4.96 18.47
C MET A 56 -19.30 6.44 18.09
N SER A 57 -19.00 7.32 19.04
CA SER A 57 -19.00 8.75 18.72
C SER A 57 -17.95 9.63 19.36
N THR A 58 -16.99 9.03 20.05
CA THR A 58 -15.94 9.82 20.69
C THR A 58 -14.77 9.95 19.73
N ARG A 59 -14.37 11.19 19.43
CA ARG A 59 -13.25 11.41 18.54
C ARG A 59 -11.94 11.08 19.24
N ALA A 60 -11.05 10.39 18.54
CA ALA A 60 -9.75 10.03 19.10
C ALA A 60 -8.88 11.27 19.12
N SER A 61 -7.84 11.24 19.95
CA SER A 61 -6.93 12.37 20.08
C SER A 61 -6.30 12.83 18.77
N GLY A 62 -6.33 14.14 18.53
CA GLY A 62 -5.75 14.69 17.32
C GLY A 62 -6.58 14.55 16.06
N VAL A 63 -7.70 13.84 16.17
CA VAL A 63 -8.57 13.65 15.02
C VAL A 63 -9.35 14.93 14.70
N SER A 64 -9.37 15.29 13.42
CA SER A 64 -10.06 16.47 12.93
C SER A 64 -11.55 16.47 13.32
N ASP A 65 -12.08 17.63 13.68
CA ASP A 65 -13.48 17.73 14.07
C ASP A 65 -14.43 17.47 12.90
N ARG A 66 -13.88 17.42 11.68
CA ARG A 66 -14.69 17.16 10.49
C ARG A 66 -15.21 15.72 10.54
N PHE A 67 -14.66 14.92 11.45
CA PHE A 67 -15.08 13.53 11.60
C PHE A 67 -15.97 13.38 12.82
N SER A 68 -17.12 12.74 12.62
CA SER A 68 -18.06 12.52 13.71
C SER A 68 -18.81 11.20 13.51
N GLY A 69 -19.19 10.56 14.61
CA GLY A 69 -19.90 9.31 14.51
C GLY A 69 -21.22 9.35 15.24
N SER A 70 -22.18 8.56 14.75
CA SER A 70 -23.51 8.48 15.37
C SER A 70 -24.12 7.14 15.03
N GLY A 71 -25.28 6.85 15.62
CA GLY A 71 -25.94 5.59 15.34
C GLY A 71 -26.70 5.02 16.51
N SER A 72 -27.36 3.88 16.27
CA SER A 72 -28.17 3.17 17.24
C SER A 72 -27.40 2.02 17.84
N GLY A 73 -27.79 0.79 17.59
CA GLY A 73 -27.04 -0.32 18.14
C GLY A 73 -26.72 -1.31 17.03
N THR A 74 -27.37 -1.15 15.88
CA THR A 74 -27.15 -2.05 14.75
C THR A 74 -26.79 -1.28 13.49
N ASP A 75 -27.02 0.03 13.52
CA ASP A 75 -26.71 0.89 12.37
C ASP A 75 -25.89 2.09 12.79
N PHE A 76 -24.70 2.20 12.23
CA PHE A 76 -23.81 3.31 12.57
C PHE A 76 -23.37 4.08 11.33
N THR A 77 -23.07 5.35 11.54
CA THR A 77 -22.64 6.19 10.44
C THR A 77 -21.49 7.09 10.84
N LEU A 78 -20.54 7.25 9.91
CA LEU A 78 -19.40 8.11 10.11
C LEU A 78 -19.62 9.26 9.12
N GLU A 79 -19.71 10.48 9.62
CA GLU A 79 -19.91 11.61 8.74
C GLU A 79 -18.60 12.38 8.59
N ILE A 80 -18.21 12.61 7.35
CA ILE A 80 -16.98 13.34 7.07
C ILE A 80 -17.40 14.69 6.49
N SER A 81 -17.22 15.74 7.28
CA SER A 81 -17.59 17.09 6.85
C SER A 81 -16.52 17.71 5.95
N ARG A 82 -16.96 18.46 4.95
CA ARG A 82 -16.07 19.14 4.02
C ARG A 82 -14.85 18.28 3.66
N VAL A 83 -15.11 17.24 2.88
CA VAL A 83 -14.10 16.30 2.42
C VAL A 83 -12.92 16.97 1.73
N LYS A 84 -11.72 16.48 2.02
CA LYS A 84 -10.50 17.01 1.41
C LYS A 84 -9.77 15.87 0.70
N ALA A 85 -8.92 16.22 -0.26
CA ALA A 85 -8.16 15.22 -1.01
C ALA A 85 -7.48 14.22 -0.08
N GLU A 86 -6.97 14.73 1.03
CA GLU A 86 -6.26 13.92 2.02
C GLU A 86 -7.08 12.81 2.69
N ASP A 87 -8.40 12.92 2.65
CA ASP A 87 -9.27 11.92 3.27
C ASP A 87 -9.45 10.65 2.45
N VAL A 88 -8.85 10.59 1.27
CA VAL A 88 -9.02 9.40 0.46
C VAL A 88 -8.43 8.17 1.16
N GLY A 89 -9.08 7.03 0.98
CA GLY A 89 -8.62 5.80 1.60
C GLY A 89 -9.79 4.87 1.84
N VAL A 90 -9.59 3.88 2.71
CA VAL A 90 -10.65 2.94 3.03
C VAL A 90 -11.04 3.12 4.50
N TYR A 91 -12.33 3.20 4.76
CA TYR A 91 -12.83 3.38 6.12
C TYR A 91 -13.40 2.08 6.66
N TYR A 92 -12.89 1.66 7.81
CA TYR A 92 -13.33 0.41 8.43
C TYR A 92 -13.98 0.65 9.78
N CYS A 93 -15.01 -0.13 10.10
CA CYS A 93 -15.62 -0.02 11.42
C CYS A 93 -15.22 -1.33 12.11
N GLN A 94 -15.11 -1.29 13.43
CA GLN A 94 -14.77 -2.50 14.19
C GLN A 94 -15.60 -2.56 15.45
N GLN A 95 -16.24 -3.71 15.68
CA GLN A 95 -17.05 -3.88 16.90
C GLN A 95 -16.12 -4.32 18.03
N PHE A 96 -16.28 -3.70 19.19
CA PHE A 96 -15.43 -4.02 20.33
C PHE A 96 -16.24 -4.46 21.55
N VAL A 97 -17.23 -5.32 21.33
CA VAL A 97 -18.07 -5.81 22.43
C VAL A 97 -17.73 -7.25 22.81
N GLU A 98 -17.69 -8.14 21.84
CA GLU A 98 -17.36 -9.54 22.10
C GLU A 98 -16.30 -10.06 21.14
N TYR A 99 -15.57 -11.08 21.57
CA TYR A 99 -14.54 -11.69 20.75
C TYR A 99 -15.18 -12.58 19.69
N PRO A 100 -14.62 -12.59 18.46
CA PRO A 100 -13.45 -11.80 18.09
C PRO A 100 -13.94 -10.39 17.77
N PHE A 101 -13.05 -9.42 17.88
CA PHE A 101 -13.40 -8.03 17.63
C PHE A 101 -13.38 -7.73 16.13
N THR A 102 -14.24 -8.43 15.40
CA THR A 102 -14.35 -8.32 13.95
C THR A 102 -14.41 -6.92 13.35
N PHE A 103 -13.84 -6.81 12.14
CA PHE A 103 -13.81 -5.57 11.39
C PHE A 103 -14.79 -5.63 10.23
N GLY A 104 -15.28 -4.46 9.81
CA GLY A 104 -16.17 -4.41 8.66
C GLY A 104 -15.29 -4.63 7.44
N SER A 105 -15.90 -4.85 6.28
CA SER A 105 -15.16 -5.08 5.05
C SER A 105 -14.50 -3.81 4.47
N GLY A 106 -14.82 -2.66 5.03
CA GLY A 106 -14.24 -1.41 4.57
C GLY A 106 -14.93 -0.72 3.40
N THR A 107 -15.03 0.60 3.48
CA THR A 107 -15.65 1.38 2.41
C THR A 107 -14.60 2.35 1.87
N LYS A 108 -14.31 2.26 0.58
CA LYS A 108 -13.33 3.14 -0.03
C LYS A 108 -13.96 4.48 -0.43
N LEU A 109 -13.35 5.56 0.05
CA LEU A 109 -13.83 6.89 -0.29
C LEU A 109 -13.16 7.27 -1.60
N GLU A 110 -13.97 7.63 -2.58
CA GLU A 110 -13.48 8.01 -3.89
C GLU A 110 -13.77 9.49 -4.10
N ILE A 111 -12.72 10.26 -4.39
CA ILE A 111 -12.85 11.70 -4.60
C ILE A 111 -13.10 12.01 -6.07
N LYS A 112 -13.94 13.01 -6.32
CA LYS A 112 -14.27 13.41 -7.69
C LYS A 112 -13.61 14.75 -7.97
N ARG A 113 -13.03 14.88 -9.16
CA ARG A 113 -12.37 16.13 -9.54
C ARG A 113 -12.41 16.36 -11.04
N ALA A 114 -11.92 17.51 -11.47
CA ALA A 114 -11.91 17.85 -12.89
C ALA A 114 -11.10 16.85 -13.70
N ASP A 115 -11.54 16.57 -14.92
CA ASP A 115 -10.82 15.65 -15.79
C ASP A 115 -9.41 16.16 -16.01
N ALA A 116 -8.44 15.24 -16.11
CA ALA A 116 -7.05 15.61 -16.32
C ALA A 116 -6.39 14.63 -17.28
N ALA A 117 -5.70 15.17 -18.29
CA ALA A 117 -5.02 14.35 -19.27
C ALA A 117 -3.74 13.80 -18.67
N PRO A 118 -3.39 12.55 -18.97
CA PRO A 118 -2.17 11.95 -18.43
C PRO A 118 -0.91 12.53 -19.04
N THR A 119 0.17 12.49 -18.26
CA THR A 119 1.46 12.95 -18.73
C THR A 119 2.14 11.62 -19.07
N VAL A 120 2.49 11.46 -20.34
CA VAL A 120 3.08 10.22 -20.83
C VAL A 120 4.58 10.31 -21.07
N SER A 121 5.31 9.32 -20.55
CA SER A 121 6.76 9.25 -20.69
C SER A 121 7.15 7.83 -21.05
N ILE A 122 7.97 7.67 -22.08
CA ILE A 122 8.40 6.34 -22.51
C ILE A 122 9.90 6.19 -22.30
N PHE A 123 10.33 5.01 -21.86
CA PHE A 123 11.74 4.75 -21.61
C PHE A 123 12.26 3.47 -22.25
N PRO A 124 13.38 3.55 -22.96
CA PRO A 124 13.99 2.39 -23.62
C PRO A 124 14.65 1.53 -22.56
N PRO A 125 14.95 0.27 -22.88
CA PRO A 125 15.60 -0.60 -21.90
C PRO A 125 16.94 0.03 -21.52
N SER A 126 17.42 -0.21 -20.31
CA SER A 126 18.71 0.35 -19.90
C SER A 126 19.81 -0.60 -20.41
N SER A 127 21.03 -0.07 -20.53
CA SER A 127 22.13 -0.91 -20.99
C SER A 127 22.39 -2.02 -19.98
N GLU A 128 22.15 -1.74 -18.71
CA GLU A 128 22.36 -2.74 -17.66
C GLU A 128 21.46 -3.95 -17.86
N GLN A 129 20.19 -3.69 -18.18
CA GLN A 129 19.26 -4.81 -18.36
C GLN A 129 19.58 -5.65 -19.59
N LEU A 130 20.02 -4.98 -20.66
CA LEU A 130 20.33 -5.70 -21.90
C LEU A 130 21.44 -6.72 -21.69
N THR A 131 22.31 -6.49 -20.70
CA THR A 131 23.39 -7.43 -20.43
C THR A 131 22.82 -8.73 -19.86
N SER A 132 21.58 -8.67 -19.38
CA SER A 132 20.92 -9.84 -18.79
C SER A 132 20.15 -10.65 -19.83
N GLY A 133 20.07 -10.15 -21.06
CA GLY A 133 19.34 -10.87 -22.09
C GLY A 133 17.88 -10.46 -22.11
N GLY A 134 17.50 -9.58 -21.17
CA GLY A 134 16.14 -9.10 -21.11
C GLY A 134 16.06 -7.65 -21.57
N ALA A 135 14.87 -7.21 -21.96
CA ALA A 135 14.68 -5.84 -22.42
C ALA A 135 13.27 -5.34 -22.11
N SER A 136 13.15 -4.45 -21.13
CA SER A 136 11.85 -3.92 -20.74
C SER A 136 11.70 -2.48 -21.20
N VAL A 137 10.60 -2.19 -21.88
CA VAL A 137 10.31 -0.83 -22.34
C VAL A 137 9.22 -0.40 -21.36
N VAL A 138 9.42 0.76 -20.74
CA VAL A 138 8.46 1.25 -19.74
C VAL A 138 7.78 2.53 -20.17
N CYS A 139 6.51 2.64 -19.80
CA CYS A 139 5.72 3.81 -20.12
C CYS A 139 4.98 4.25 -18.86
N PHE A 140 5.15 5.51 -18.49
CA PHE A 140 4.45 6.05 -17.32
C PHE A 140 3.33 6.94 -17.82
N LEU A 141 2.15 6.76 -17.25
CA LEU A 141 0.99 7.59 -17.58
C LEU A 141 0.61 8.19 -16.24
N ASN A 142 1.08 9.40 -15.98
CA ASN A 142 0.88 10.04 -14.68
C ASN A 142 -0.19 11.11 -14.57
N ASN A 143 -0.71 11.25 -13.35
CA ASN A 143 -1.70 12.25 -12.99
C ASN A 143 -2.90 12.47 -13.91
N PHE A 144 -3.71 11.45 -14.09
CA PHE A 144 -4.87 11.60 -14.95
C PHE A 144 -6.16 11.34 -14.17
N TYR A 145 -7.29 11.72 -14.76
CA TYR A 145 -8.60 11.53 -14.14
C TYR A 145 -9.67 11.71 -15.22
N PRO A 146 -10.68 10.83 -15.25
CA PRO A 146 -10.95 9.67 -14.38
C PRO A 146 -9.94 8.54 -14.54
N LYS A 147 -10.02 7.54 -13.67
CA LYS A 147 -9.10 6.42 -13.69
C LYS A 147 -9.12 5.55 -14.94
N ASP A 148 -10.22 5.59 -15.68
CA ASP A 148 -10.37 4.80 -16.90
C ASP A 148 -9.39 5.24 -17.99
N ILE A 149 -8.52 4.33 -18.41
CA ILE A 149 -7.55 4.67 -19.45
C ILE A 149 -7.08 3.43 -20.19
N ASN A 150 -6.70 3.61 -21.45
CA ASN A 150 -6.22 2.51 -22.27
C ASN A 150 -4.84 2.81 -22.84
N VAL A 151 -3.98 1.80 -22.82
CA VAL A 151 -2.63 1.95 -23.33
C VAL A 151 -2.34 0.88 -24.38
N LYS A 152 -1.74 1.31 -25.49
CA LYS A 152 -1.41 0.39 -26.56
C LYS A 152 0.07 0.50 -26.91
N TRP A 153 0.70 -0.64 -27.13
CA TRP A 153 2.11 -0.67 -27.51
C TRP A 153 2.23 -1.02 -28.97
N LYS A 154 3.09 -0.30 -29.68
CA LYS A 154 3.32 -0.56 -31.10
C LYS A 154 4.82 -0.71 -31.37
N ILE A 155 5.19 -1.79 -32.06
CA ILE A 155 6.59 -2.01 -32.41
C ILE A 155 6.68 -1.93 -33.94
N ASP A 156 7.45 -0.97 -34.43
CA ASP A 156 7.59 -0.75 -35.87
C ASP A 156 6.21 -0.57 -36.50
N GLY A 157 5.32 0.11 -35.77
CA GLY A 157 3.98 0.36 -36.27
C GLY A 157 2.91 -0.68 -35.99
N SER A 158 3.31 -1.89 -35.60
CA SER A 158 2.35 -2.95 -35.33
C SER A 158 2.08 -3.12 -33.84
N GLU A 159 0.80 -3.26 -33.49
CA GLU A 159 0.38 -3.43 -32.11
C GLU A 159 0.93 -4.72 -31.52
N ARG A 160 1.41 -4.64 -30.27
CA ARG A 160 1.95 -5.80 -29.57
C ARG A 160 1.20 -5.87 -28.24
N GLN A 161 0.58 -7.02 -27.95
CA GLN A 161 -0.18 -7.18 -26.71
C GLN A 161 0.46 -8.16 -25.73
N ASN A 162 1.24 -9.09 -26.25
CA ASN A 162 1.90 -10.09 -25.42
C ASN A 162 3.08 -9.49 -24.68
N GLY A 163 3.32 -9.96 -23.45
CA GLY A 163 4.44 -9.47 -22.65
C GLY A 163 4.22 -8.11 -22.01
N VAL A 164 2.97 -7.68 -21.92
CA VAL A 164 2.64 -6.39 -21.33
C VAL A 164 2.04 -6.53 -19.94
N LEU A 165 2.59 -5.78 -18.99
CA LEU A 165 2.11 -5.80 -17.62
C LEU A 165 1.84 -4.37 -17.17
N ASN A 166 0.66 -4.13 -16.62
CA ASN A 166 0.27 -2.80 -16.18
C ASN A 166 0.06 -2.76 -14.67
N SER A 167 0.22 -1.57 -14.09
CA SER A 167 0.02 -1.41 -12.65
C SER A 167 -0.55 -0.01 -12.42
N TRP A 168 -1.61 0.08 -11.64
CA TRP A 168 -2.24 1.36 -11.35
C TRP A 168 -2.04 1.71 -9.89
N THR A 169 -1.89 3.00 -9.60
CA THR A 169 -1.72 3.45 -8.23
C THR A 169 -3.12 3.74 -7.69
N ASP A 170 -3.22 3.93 -6.37
CA ASP A 170 -4.50 4.28 -5.79
C ASP A 170 -4.64 5.78 -6.03
N GLN A 171 -5.79 6.33 -5.70
CA GLN A 171 -6.03 7.76 -5.91
C GLN A 171 -5.06 8.60 -5.07
N ASP A 172 -4.42 9.58 -5.70
CA ASP A 172 -3.45 10.43 -5.02
C ASP A 172 -4.10 11.27 -3.92
N SER A 173 -3.40 11.37 -2.78
CA SER A 173 -3.89 12.13 -1.63
C SER A 173 -3.75 13.63 -1.75
N LYS A 174 -2.99 14.09 -2.75
CA LYS A 174 -2.79 15.52 -2.93
C LYS A 174 -3.65 16.11 -4.05
N ASP A 175 -3.59 15.52 -5.24
CA ASP A 175 -4.37 16.05 -6.36
C ASP A 175 -5.53 15.17 -6.80
N SER A 176 -5.78 14.08 -6.08
CA SER A 176 -6.88 13.17 -6.38
C SER A 176 -6.83 12.53 -7.78
N THR A 177 -5.65 12.44 -8.36
CA THR A 177 -5.50 11.83 -9.68
C THR A 177 -4.99 10.40 -9.57
N TYR A 178 -4.90 9.73 -10.70
CA TYR A 178 -4.43 8.35 -10.78
C TYR A 178 -3.21 8.30 -11.69
N SER A 179 -2.42 7.25 -11.56
CA SER A 179 -1.25 7.07 -12.42
C SER A 179 -1.17 5.60 -12.78
N MET A 180 -0.49 5.30 -13.87
CA MET A 180 -0.36 3.91 -14.29
C MET A 180 0.97 3.69 -14.96
N SER A 181 1.50 2.48 -14.79
CA SER A 181 2.76 2.09 -15.39
C SER A 181 2.45 0.91 -16.30
N SER A 182 3.07 0.93 -17.48
CA SER A 182 2.87 -0.16 -18.42
C SER A 182 4.27 -0.58 -18.86
N THR A 183 4.55 -1.87 -18.79
CA THR A 183 5.86 -2.39 -19.17
C THR A 183 5.74 -3.48 -20.22
N LEU A 184 6.46 -3.30 -21.32
CA LEU A 184 6.48 -4.26 -22.42
C LEU A 184 7.82 -4.98 -22.28
N THR A 185 7.80 -6.25 -21.93
CA THR A 185 9.04 -6.99 -21.77
C THR A 185 9.30 -7.94 -22.94
N LEU A 186 10.49 -7.79 -23.52
CA LEU A 186 10.92 -8.60 -24.66
C LEU A 186 12.30 -9.18 -24.35
N THR A 187 12.76 -10.11 -25.18
CA THR A 187 14.10 -10.66 -24.99
C THR A 187 14.97 -9.61 -25.66
N LYS A 188 16.26 -9.59 -25.34
CA LYS A 188 17.14 -8.63 -25.97
C LYS A 188 17.18 -8.87 -27.48
N ASP A 189 17.21 -10.14 -27.89
CA ASP A 189 17.25 -10.48 -29.31
C ASP A 189 16.08 -9.84 -30.06
N GLU A 190 14.87 -9.99 -29.53
CA GLU A 190 13.68 -9.42 -30.14
C GLU A 190 13.75 -7.89 -30.15
N TYR A 191 14.07 -7.30 -29.01
CA TYR A 191 14.19 -5.85 -28.93
C TYR A 191 15.13 -5.33 -30.02
N GLU A 192 16.22 -6.06 -30.25
CA GLU A 192 17.22 -5.69 -31.26
C GLU A 192 16.74 -5.84 -32.71
N ARG A 193 15.62 -6.52 -32.89
CA ARG A 193 15.06 -6.77 -34.23
C ARG A 193 14.22 -5.62 -34.78
N HIS A 194 13.85 -4.68 -33.92
CA HIS A 194 13.01 -3.58 -34.35
C HIS A 194 13.59 -2.23 -34.01
N ASN A 195 13.02 -1.19 -34.61
CA ASN A 195 13.53 0.15 -34.40
C ASN A 195 12.59 1.10 -33.63
N SER A 196 11.35 1.19 -34.06
CA SER A 196 10.36 2.07 -33.45
C SER A 196 9.53 1.45 -32.32
N TYR A 197 9.53 2.10 -31.17
CA TYR A 197 8.76 1.65 -30.01
C TYR A 197 7.84 2.79 -29.60
N THR A 198 6.55 2.49 -29.53
CA THR A 198 5.54 3.50 -29.21
C THR A 198 4.55 3.10 -28.12
N CYS A 199 4.25 4.07 -27.25
CA CYS A 199 3.29 3.92 -26.16
C CYS A 199 2.14 4.87 -26.52
N GLU A 200 0.92 4.34 -26.66
CA GLU A 200 -0.23 5.17 -27.01
C GLU A 200 -1.26 5.17 -25.88
N ALA A 201 -1.65 6.36 -25.44
CA ALA A 201 -2.63 6.48 -24.38
C ALA A 201 -3.93 7.11 -24.88
N THR A 202 -5.04 6.42 -24.63
CA THR A 202 -6.35 6.90 -25.03
C THR A 202 -7.14 7.18 -23.76
N HIS A 203 -7.44 8.44 -23.52
CA HIS A 203 -8.16 8.85 -22.33
C HIS A 203 -9.37 9.74 -22.68
N LYS A 204 -10.33 9.77 -21.77
CA LYS A 204 -11.55 10.54 -21.94
C LYS A 204 -11.29 12.01 -22.30
N THR A 205 -10.19 12.56 -21.77
CA THR A 205 -9.82 13.95 -22.00
C THR A 205 -9.50 14.34 -23.45
N SER A 206 -9.44 13.37 -24.36
CA SER A 206 -9.14 13.71 -25.74
C SER A 206 -9.61 12.68 -26.76
N THR A 207 -9.92 13.17 -27.96
CA THR A 207 -10.37 12.31 -29.05
C THR A 207 -9.17 11.53 -29.56
N SER A 208 -8.04 12.24 -29.71
CA SER A 208 -6.81 11.65 -30.20
C SER A 208 -5.88 11.19 -29.08
N PRO A 209 -5.36 9.95 -29.18
CA PRO A 209 -4.46 9.38 -28.18
C PRO A 209 -3.17 10.19 -28.01
N ILE A 210 -2.53 10.03 -26.86
CA ILE A 210 -1.26 10.70 -26.61
C ILE A 210 -0.20 9.70 -27.01
N VAL A 211 0.62 10.07 -27.99
CA VAL A 211 1.66 9.18 -28.47
C VAL A 211 3.06 9.60 -28.04
N LYS A 212 3.81 8.62 -27.57
CA LYS A 212 5.19 8.83 -27.14
C LYS A 212 6.00 7.67 -27.71
N SER A 213 7.12 7.97 -28.34
CA SER A 213 7.93 6.91 -28.90
C SER A 213 9.40 7.26 -29.03
N PHE A 214 10.19 6.26 -29.40
CA PHE A 214 11.62 6.45 -29.60
C PHE A 214 12.11 5.45 -30.62
N ASN A 215 13.26 5.73 -31.24
CA ASN A 215 13.81 4.81 -32.21
C ASN A 215 15.08 4.26 -31.61
N ARG A 216 15.22 2.94 -31.64
CA ARG A 216 16.39 2.29 -31.09
C ARG A 216 17.65 2.75 -31.82
N GLU B 1 7.75 9.80 22.67
CA GLU B 1 6.35 9.31 22.57
C GLU B 1 6.35 7.78 22.55
N VAL B 2 5.16 7.19 22.54
CA VAL B 2 5.02 5.73 22.52
C VAL B 2 4.98 5.21 21.09
N LYS B 3 5.92 4.32 20.77
CA LYS B 3 6.00 3.75 19.43
C LYS B 3 6.05 2.22 19.46
N LEU B 4 5.42 1.61 18.46
CA LEU B 4 5.40 0.15 18.32
C LEU B 4 6.06 -0.18 16.98
N SER B 5 6.86 -1.23 16.94
CA SER B 5 7.53 -1.60 15.71
C SER B 5 7.62 -3.11 15.59
N GLU B 6 7.02 -3.65 14.53
CA GLU B 6 7.03 -5.08 14.29
C GLU B 6 8.31 -5.49 13.56
N SER B 7 8.76 -6.71 13.81
CA SER B 7 9.94 -7.24 13.15
C SER B 7 9.81 -8.75 13.03
N GLY B 8 10.51 -9.33 12.07
CA GLY B 8 10.46 -10.76 11.87
C GLY B 8 10.66 -11.12 10.41
N PRO B 9 10.85 -12.41 10.10
CA PRO B 9 11.06 -12.88 8.73
C PRO B 9 9.89 -12.51 7.82
N GLY B 10 10.20 -12.13 6.59
CA GLY B 10 9.14 -11.79 5.66
C GLY B 10 8.71 -12.97 4.81
N LEU B 11 9.39 -14.10 4.98
CA LEU B 11 9.05 -15.30 4.21
C LEU B 11 9.17 -16.53 5.11
N VAL B 12 8.13 -17.36 5.08
CA VAL B 12 8.07 -18.58 5.90
C VAL B 12 7.52 -19.70 5.01
N LYS B 13 8.11 -20.89 5.09
CA LYS B 13 7.63 -22.00 4.27
C LYS B 13 6.38 -22.61 4.88
N PRO B 14 5.47 -23.14 4.04
CA PRO B 14 4.26 -23.73 4.60
C PRO B 14 4.56 -24.87 5.59
N SER B 15 3.69 -24.99 6.59
CA SER B 15 3.79 -25.99 7.64
C SER B 15 4.81 -25.59 8.70
N GLN B 16 5.54 -24.51 8.48
CA GLN B 16 6.53 -24.07 9.45
C GLN B 16 5.90 -23.07 10.40
N SER B 17 6.70 -22.59 11.34
CA SER B 17 6.24 -21.64 12.35
C SER B 17 6.60 -20.19 12.02
N LEU B 18 5.65 -19.29 12.29
CA LEU B 18 5.85 -17.86 12.06
C LEU B 18 6.03 -17.16 13.40
N SER B 19 7.13 -16.41 13.54
CA SER B 19 7.41 -15.69 14.77
C SER B 19 7.65 -14.21 14.47
N LEU B 20 6.92 -13.35 15.16
CA LEU B 20 7.07 -11.91 14.96
C LEU B 20 7.28 -11.25 16.32
N THR B 21 7.91 -10.07 16.30
CA THR B 21 8.19 -9.33 17.51
C THR B 21 7.71 -7.89 17.39
N CYS B 22 7.18 -7.36 18.48
CA CYS B 22 6.75 -5.97 18.49
C CYS B 22 7.53 -5.34 19.62
N THR B 23 8.36 -4.37 19.28
CA THR B 23 9.16 -3.68 20.27
C THR B 23 8.44 -2.38 20.63
N VAL B 24 8.13 -2.24 21.91
CA VAL B 24 7.43 -1.06 22.41
C VAL B 24 8.41 -0.12 23.10
N THR B 25 8.35 1.16 22.73
CA THR B 25 9.22 2.16 23.32
C THR B 25 8.36 3.31 23.82
N GLY B 26 8.72 3.86 24.96
CA GLY B 26 7.96 4.97 25.51
C GLY B 26 6.83 4.61 26.46
N TYR B 27 6.56 3.31 26.59
CA TYR B 27 5.49 2.85 27.48
C TYR B 27 5.76 1.41 27.90
N SER B 28 5.41 1.08 29.13
CA SER B 28 5.61 -0.26 29.65
C SER B 28 4.50 -1.21 29.22
N ILE B 29 4.87 -2.41 28.80
CA ILE B 29 3.89 -3.39 28.38
C ILE B 29 3.35 -4.20 29.56
N THR B 30 3.82 -3.87 30.76
CA THR B 30 3.37 -4.56 31.97
C THR B 30 2.07 -3.91 32.45
N THR B 31 1.56 -2.96 31.68
CA THR B 31 0.32 -2.28 32.03
C THR B 31 -0.89 -3.08 31.60
N ASN B 32 -2.07 -2.64 32.02
CA ASN B 32 -3.29 -3.34 31.67
C ASN B 32 -3.94 -2.84 30.39
N TYR B 33 -3.19 -2.93 29.30
CA TYR B 33 -3.68 -2.54 27.98
C TYR B 33 -3.62 -3.82 27.16
N ALA B 34 -4.47 -3.91 26.14
CA ALA B 34 -4.48 -5.07 25.28
C ALA B 34 -3.41 -4.90 24.21
N TRP B 35 -2.23 -5.47 24.45
CA TRP B 35 -1.18 -5.46 23.47
C TRP B 35 -1.57 -6.50 22.43
N THR B 36 -2.12 -6.06 21.31
CA THR B 36 -2.65 -6.98 20.33
C THR B 36 -2.03 -7.09 18.96
N TRP B 37 -2.33 -8.21 18.32
CA TRP B 37 -1.88 -8.49 16.97
C TRP B 37 -3.10 -8.53 16.08
N ILE B 38 -2.97 -7.87 14.93
CA ILE B 38 -4.04 -7.82 13.94
C ILE B 38 -3.35 -8.07 12.62
N ARG B 39 -4.02 -8.73 11.68
CA ARG B 39 -3.41 -8.95 10.37
C ARG B 39 -4.36 -8.55 9.24
N GLN B 40 -3.78 -8.16 8.12
CA GLN B 40 -4.56 -7.75 6.96
C GLN B 40 -4.13 -8.59 5.76
N PHE B 41 -5.10 -9.34 5.22
CA PHE B 41 -4.86 -10.23 4.09
C PHE B 41 -4.81 -9.49 2.76
N PRO B 42 -4.29 -10.16 1.72
CA PRO B 42 -4.25 -9.48 0.41
C PRO B 42 -5.74 -9.32 0.10
N GLY B 43 -6.17 -8.11 -0.22
CA GLY B 43 -7.59 -7.89 -0.47
C GLY B 43 -8.11 -6.93 0.58
N ASN B 44 -7.27 -6.71 1.60
CA ASN B 44 -7.55 -5.78 2.70
C ASN B 44 -8.43 -6.22 3.86
N LYS B 45 -8.88 -7.46 3.87
CA LYS B 45 -9.72 -7.93 4.97
C LYS B 45 -8.88 -7.93 6.25
N LEU B 46 -9.41 -7.35 7.32
CA LEU B 46 -8.73 -7.26 8.61
C LEU B 46 -9.24 -8.30 9.62
N GLU B 47 -8.31 -8.88 10.37
CA GLU B 47 -8.65 -9.89 11.36
C GLU B 47 -7.90 -9.70 12.67
N TRP B 48 -8.65 -9.68 13.77
CA TRP B 48 -8.08 -9.56 15.11
C TRP B 48 -7.53 -10.94 15.46
N MET B 49 -6.28 -11.01 15.89
CA MET B 49 -5.70 -12.30 16.23
C MET B 49 -5.71 -12.61 17.72
N GLY B 50 -5.38 -11.62 18.54
CA GLY B 50 -5.38 -11.83 19.98
C GLY B 50 -4.60 -10.76 20.68
N TYR B 51 -4.51 -10.86 22.01
CA TYR B 51 -3.78 -9.90 22.81
C TYR B 51 -3.23 -10.49 24.09
N ILE B 52 -2.36 -9.72 24.72
CA ILE B 52 -1.77 -10.07 25.99
C ILE B 52 -1.91 -8.77 26.78
N ARG B 53 -2.30 -8.86 28.04
CA ARG B 53 -2.45 -7.68 28.87
C ARG B 53 -1.99 -8.02 30.28
N SER B 54 -1.48 -7.02 31.00
CA SER B 54 -1.01 -7.22 32.35
C SER B 54 0.00 -8.35 32.51
N SER B 55 0.86 -8.50 31.50
CA SER B 55 1.93 -9.50 31.49
C SER B 55 1.59 -10.98 31.43
N VAL B 56 0.43 -11.38 31.95
CA VAL B 56 0.12 -12.81 31.98
C VAL B 56 -1.26 -13.24 31.49
N ILE B 57 -2.04 -12.29 30.99
CA ILE B 57 -3.38 -12.62 30.51
C ILE B 57 -3.47 -12.48 29.00
N THR B 58 -3.96 -13.52 28.35
CA THR B 58 -4.11 -13.51 26.89
C THR B 58 -5.51 -13.92 26.45
N ARG B 59 -5.79 -13.67 25.18
CA ARG B 59 -7.05 -14.04 24.56
C ARG B 59 -6.77 -14.17 23.08
N TYR B 60 -7.24 -15.26 22.48
CA TYR B 60 -7.01 -15.48 21.05
C TYR B 60 -8.29 -15.63 20.25
N ASN B 61 -8.18 -15.47 18.94
CA ASN B 61 -9.32 -15.62 18.04
C ASN B 61 -9.52 -17.14 17.91
N PRO B 62 -10.75 -17.62 18.14
CA PRO B 62 -11.05 -19.05 18.05
C PRO B 62 -10.69 -19.64 16.68
N SER B 63 -10.75 -18.82 15.64
CA SER B 63 -10.45 -19.28 14.28
C SER B 63 -9.00 -19.70 14.11
N LEU B 64 -8.14 -19.29 15.04
CA LEU B 64 -6.74 -19.62 14.96
C LEU B 64 -6.43 -20.91 15.71
N LYS B 65 -7.49 -21.58 16.17
CA LYS B 65 -7.36 -22.83 16.90
C LYS B 65 -6.31 -22.80 18.00
N SER B 66 -5.49 -23.83 18.06
CA SER B 66 -4.45 -23.90 19.08
C SER B 66 -3.06 -23.59 18.50
N ARG B 67 -3.01 -23.00 17.31
CA ARG B 67 -1.71 -22.71 16.73
C ARG B 67 -1.14 -21.31 17.01
N ILE B 68 -1.90 -20.47 17.71
CA ILE B 68 -1.42 -19.14 18.04
C ILE B 68 -0.96 -19.01 19.49
N SER B 69 0.08 -18.22 19.69
CA SER B 69 0.63 -17.98 21.02
C SER B 69 1.16 -16.55 21.08
N ILE B 70 0.77 -15.84 22.13
CA ILE B 70 1.23 -14.47 22.35
C ILE B 70 1.93 -14.47 23.71
N THR B 71 3.18 -14.01 23.73
CA THR B 71 3.97 -13.96 24.95
C THR B 71 4.73 -12.64 25.01
N GLN B 72 5.47 -12.42 26.09
CA GLN B 72 6.23 -11.17 26.17
C GLN B 72 7.53 -11.34 26.90
N ASP B 73 8.42 -10.39 26.69
CA ASP B 73 9.71 -10.30 27.33
C ASP B 73 9.70 -8.96 28.03
N THR B 74 9.30 -8.96 29.29
CA THR B 74 9.23 -7.72 30.05
C THR B 74 10.55 -6.96 30.06
N SER B 75 11.64 -7.66 30.28
CA SER B 75 12.96 -7.02 30.35
C SER B 75 13.35 -6.26 29.08
N LYS B 76 12.76 -6.62 27.94
CA LYS B 76 13.08 -5.94 26.68
C LYS B 76 11.89 -5.13 26.16
N ASN B 77 10.80 -5.14 26.93
CA ASN B 77 9.58 -4.41 26.57
C ASN B 77 9.11 -4.80 25.16
N GLN B 78 9.08 -6.10 24.91
CA GLN B 78 8.66 -6.64 23.63
C GLN B 78 7.59 -7.70 23.86
N PHE B 79 6.65 -7.83 22.94
CA PHE B 79 5.69 -8.91 23.05
C PHE B 79 5.79 -9.65 21.73
N PHE B 80 5.43 -10.93 21.73
CA PHE B 80 5.58 -11.74 20.53
C PHE B 80 4.34 -12.43 20.03
N LEU B 81 4.43 -12.86 18.78
CA LEU B 81 3.37 -13.60 18.13
C LEU B 81 3.98 -14.85 17.51
N GLN B 82 3.39 -16.00 17.82
CA GLN B 82 3.85 -17.24 17.25
C GLN B 82 2.65 -17.93 16.63
N LEU B 83 2.76 -18.26 15.34
CA LEU B 83 1.68 -18.93 14.63
C LEU B 83 2.28 -20.17 14.00
N ASN B 84 1.84 -21.34 14.45
CA ASN B 84 2.37 -22.61 13.94
C ASN B 84 1.60 -23.14 12.74
N SER B 85 2.20 -24.13 12.08
CA SER B 85 1.58 -24.78 10.93
C SER B 85 0.96 -23.81 9.94
N VAL B 86 1.72 -22.82 9.50
CA VAL B 86 1.18 -21.85 8.56
C VAL B 86 0.95 -22.44 7.17
N THR B 87 0.02 -21.82 6.45
CA THR B 87 -0.31 -22.23 5.10
C THR B 87 -0.29 -20.92 4.32
N THR B 88 -0.40 -21.02 3.00
CA THR B 88 -0.41 -19.81 2.16
C THR B 88 -1.51 -18.85 2.58
N GLU B 89 -2.50 -19.36 3.31
CA GLU B 89 -3.61 -18.55 3.77
C GLU B 89 -3.23 -17.59 4.88
N ASP B 90 -2.04 -17.76 5.45
CA ASP B 90 -1.60 -16.87 6.51
C ASP B 90 -0.78 -15.72 5.95
N THR B 91 -0.65 -15.67 4.62
CA THR B 91 0.09 -14.59 3.98
C THR B 91 -0.69 -13.31 4.27
N ALA B 92 -0.01 -12.33 4.86
CA ALA B 92 -0.68 -11.09 5.21
C ALA B 92 0.29 -10.09 5.81
N THR B 93 -0.21 -8.90 6.09
CA THR B 93 0.58 -7.87 6.74
C THR B 93 0.16 -7.92 8.21
N TYR B 94 1.13 -8.11 9.09
CA TYR B 94 0.86 -8.20 10.51
C TYR B 94 1.16 -6.90 11.24
N TYR B 95 0.20 -6.46 12.06
CA TYR B 95 0.32 -5.21 12.81
C TYR B 95 0.18 -5.44 14.31
N CYS B 96 0.90 -4.65 15.11
CA CYS B 96 0.71 -4.71 16.56
C CYS B 96 0.10 -3.37 16.92
N ALA B 97 -0.71 -3.36 17.97
CA ALA B 97 -1.38 -2.15 18.42
C ALA B 97 -1.69 -2.26 19.90
N ARG B 98 -1.96 -1.11 20.51
CA ARG B 98 -2.29 -1.06 21.92
C ARG B 98 -3.75 -0.62 22.05
N TYR B 99 -4.62 -1.55 22.44
CA TYR B 99 -6.03 -1.24 22.62
C TYR B 99 -6.35 -1.07 24.10
N ASP B 100 -7.17 -0.07 24.44
CA ASP B 100 -7.53 0.10 25.83
C ASP B 100 -8.89 -0.56 25.96
N TYR B 101 -9.42 -0.64 27.19
CA TYR B 101 -10.70 -1.29 27.42
C TYR B 101 -11.85 -0.75 26.57
N TYR B 102 -11.79 0.53 26.24
CA TYR B 102 -12.84 1.16 25.44
C TYR B 102 -12.66 1.03 23.94
N GLY B 103 -11.58 0.37 23.52
CA GLY B 103 -11.35 0.19 22.10
C GLY B 103 -10.47 1.27 21.49
N ASN B 104 -10.03 2.22 22.32
CA ASN B 104 -9.19 3.30 21.85
C ASN B 104 -7.74 2.87 21.72
N THR B 105 -7.19 3.01 20.52
CA THR B 105 -5.80 2.64 20.24
C THR B 105 -4.93 3.89 20.14
N GLY B 106 -5.56 5.05 19.97
CA GLY B 106 -4.79 6.25 19.80
C GLY B 106 -4.01 6.03 18.51
N ASP B 107 -2.78 6.51 18.44
CA ASP B 107 -1.96 6.32 17.24
C ASP B 107 -0.95 5.22 17.55
N TYR B 108 -1.27 4.37 18.52
CA TYR B 108 -0.39 3.29 18.93
C TYR B 108 -0.52 2.04 18.07
N TRP B 109 -0.05 2.15 16.83
CA TRP B 109 -0.06 1.04 15.88
C TRP B 109 1.33 0.95 15.27
N GLY B 110 1.78 -0.27 14.99
CA GLY B 110 3.06 -0.45 14.37
C GLY B 110 2.93 -0.09 12.90
N GLN B 111 4.02 -0.20 12.14
CA GLN B 111 4.01 0.13 10.72
C GLN B 111 3.57 -1.08 9.90
N GLY B 112 3.49 -2.23 10.57
CA GLY B 112 3.08 -3.45 9.91
C GLY B 112 4.27 -4.12 9.26
N THR B 113 4.27 -5.45 9.28
CA THR B 113 5.35 -6.20 8.67
C THR B 113 4.75 -7.27 7.77
N SER B 114 5.19 -7.31 6.52
CA SER B 114 4.67 -8.27 5.57
C SER B 114 5.25 -9.67 5.74
N VAL B 115 4.38 -10.67 5.73
CA VAL B 115 4.82 -12.06 5.83
C VAL B 115 4.19 -12.85 4.70
N THR B 116 5.02 -13.53 3.93
CA THR B 116 4.56 -14.34 2.81
C THR B 116 4.83 -15.80 3.15
N VAL B 117 3.83 -16.65 2.98
CA VAL B 117 3.97 -18.08 3.22
C VAL B 117 4.04 -18.68 1.82
N SER B 118 5.22 -19.16 1.46
CA SER B 118 5.42 -19.73 0.13
C SER B 118 6.66 -20.60 0.09
N SER B 119 6.66 -21.56 -0.83
CA SER B 119 7.80 -22.44 -0.99
C SER B 119 8.84 -21.83 -1.94
N ALA B 120 8.49 -20.77 -2.63
CA ALA B 120 9.38 -20.10 -3.59
C ALA B 120 10.63 -19.60 -2.89
N LYS B 121 11.71 -19.40 -3.64
CA LYS B 121 12.95 -18.95 -3.02
C LYS B 121 13.09 -17.43 -2.99
N THR B 122 13.84 -16.95 -2.01
CA THR B 122 14.09 -15.53 -1.88
C THR B 122 15.04 -15.11 -3.01
N THR B 123 14.72 -14.02 -3.68
CA THR B 123 15.52 -13.53 -4.79
C THR B 123 15.66 -12.01 -4.70
N PRO B 124 16.91 -11.50 -4.75
CA PRO B 124 17.10 -10.04 -4.67
C PRO B 124 16.73 -9.39 -6.00
N PRO B 125 16.35 -8.10 -5.96
CA PRO B 125 15.98 -7.44 -7.21
C PRO B 125 17.16 -6.92 -8.00
N SER B 126 16.94 -6.72 -9.30
CA SER B 126 17.93 -6.11 -10.19
C SER B 126 17.31 -4.73 -10.34
N VAL B 127 18.12 -3.68 -10.22
CA VAL B 127 17.61 -2.32 -10.29
C VAL B 127 18.15 -1.61 -11.52
N TYR B 128 17.25 -1.23 -12.43
CA TYR B 128 17.64 -0.57 -13.65
C TYR B 128 17.17 0.88 -13.71
N PRO B 129 18.05 1.78 -14.16
CA PRO B 129 17.73 3.19 -14.28
C PRO B 129 16.85 3.46 -15.50
N LEU B 130 15.93 4.41 -15.38
CA LEU B 130 15.05 4.76 -16.49
C LEU B 130 15.33 6.23 -16.80
N ALA B 131 16.09 6.46 -17.88
CA ALA B 131 16.42 7.82 -18.32
C ALA B 131 15.80 8.06 -19.67
N PRO B 132 15.35 9.29 -19.95
CA PRO B 132 14.72 9.60 -21.24
C PRO B 132 15.66 9.32 -22.41
N GLY B 133 15.10 8.85 -23.52
CA GLY B 133 15.91 8.56 -24.68
C GLY B 133 16.65 9.78 -25.21
N THR B 134 15.90 10.85 -25.44
CA THR B 134 16.48 12.10 -25.95
C THR B 134 16.11 13.27 -25.04
N ALA B 135 15.89 14.43 -25.64
CA ALA B 135 15.54 15.63 -24.91
C ALA B 135 14.09 16.06 -25.16
N ALA B 136 13.23 15.86 -24.17
CA ALA B 136 11.82 16.21 -24.28
C ALA B 136 11.63 17.73 -24.12
N LEU B 137 10.41 18.14 -23.77
CA LEU B 137 10.10 19.55 -23.58
C LEU B 137 11.05 20.23 -22.60
N LYS B 138 11.86 21.15 -23.11
CA LYS B 138 12.83 21.87 -22.30
C LYS B 138 12.21 23.02 -21.49
N SER B 139 12.98 23.50 -20.52
CA SER B 139 12.55 24.59 -19.64
C SER B 139 11.30 24.20 -18.84
N SER B 140 10.96 22.92 -18.86
CA SER B 140 9.79 22.42 -18.14
C SER B 140 10.11 21.28 -17.16
N MET B 141 9.43 20.15 -17.33
CA MET B 141 9.61 19.00 -16.45
C MET B 141 10.22 17.79 -17.17
N VAL B 142 10.84 16.91 -16.39
CA VAL B 142 11.42 15.69 -16.92
C VAL B 142 11.11 14.55 -15.96
N THR B 143 10.72 13.41 -16.50
CA THR B 143 10.40 12.26 -15.66
C THR B 143 11.49 11.22 -15.79
N LEU B 144 11.91 10.69 -14.65
CA LEU B 144 12.94 9.67 -14.59
C LEU B 144 12.32 8.51 -13.84
N GLY B 145 13.05 7.43 -13.68
CA GLY B 145 12.49 6.31 -12.96
C GLY B 145 13.49 5.20 -12.71
N CYS B 146 13.01 4.16 -12.01
CA CYS B 146 13.82 2.99 -11.71
C CYS B 146 12.91 1.79 -11.85
N LEU B 147 13.45 0.73 -12.46
CA LEU B 147 12.70 -0.50 -12.63
C LEU B 147 13.34 -1.49 -11.67
N VAL B 148 12.56 -2.02 -10.74
CA VAL B 148 13.04 -2.97 -9.74
C VAL B 148 12.41 -4.29 -10.16
N LYS B 149 13.24 -5.16 -10.74
CA LYS B 149 12.75 -6.40 -11.33
C LYS B 149 13.28 -7.73 -10.82
N GLY B 150 12.38 -8.71 -10.82
CA GLY B 150 12.72 -10.06 -10.42
C GLY B 150 13.05 -10.36 -8.97
N TYR B 151 12.25 -9.87 -8.03
CA TYR B 151 12.53 -10.17 -6.62
C TYR B 151 11.41 -10.97 -5.97
N PHE B 152 11.72 -11.53 -4.82
CA PHE B 152 10.78 -12.31 -4.05
C PHE B 152 11.37 -12.48 -2.66
N PRO B 153 10.54 -12.31 -1.61
CA PRO B 153 9.12 -11.97 -1.62
C PRO B 153 8.97 -10.45 -1.57
N GLU B 154 7.73 -9.99 -1.41
CA GLU B 154 7.48 -8.57 -1.25
C GLU B 154 7.90 -8.31 0.20
N PRO B 155 8.23 -7.06 0.54
CA PRO B 155 8.23 -5.89 -0.34
C PRO B 155 9.65 -5.36 -0.51
N VAL B 156 9.76 -4.28 -1.27
CA VAL B 156 11.02 -3.58 -1.44
C VAL B 156 10.61 -2.17 -1.08
N THR B 157 11.56 -1.38 -0.60
CA THR B 157 11.27 0.01 -0.28
C THR B 157 12.06 0.81 -1.31
N VAL B 158 11.45 1.85 -1.85
CA VAL B 158 12.10 2.69 -2.83
C VAL B 158 12.03 4.15 -2.38
N THR B 159 13.17 4.83 -2.38
CA THR B 159 13.22 6.25 -2.05
C THR B 159 14.11 6.89 -3.09
N TRP B 160 14.06 8.22 -3.15
CA TRP B 160 14.88 8.96 -4.09
C TRP B 160 15.75 9.92 -3.29
N ASN B 161 17.02 10.00 -3.68
CA ASN B 161 17.98 10.86 -3.00
C ASN B 161 17.88 10.70 -1.49
N SER B 162 17.90 9.43 -1.07
CA SER B 162 17.84 9.06 0.34
C SER B 162 16.64 9.62 1.07
N GLY B 163 15.61 9.99 0.34
CA GLY B 163 14.41 10.53 0.95
C GLY B 163 14.28 12.03 0.83
N SER B 164 15.33 12.72 0.38
CA SER B 164 15.27 14.17 0.25
C SER B 164 14.44 14.57 -0.97
N LEU B 165 14.12 13.59 -1.82
CA LEU B 165 13.31 13.84 -3.00
C LEU B 165 12.06 12.97 -2.84
N SER B 166 10.94 13.59 -2.45
CA SER B 166 9.71 12.84 -2.23
C SER B 166 8.50 13.30 -3.03
N SER B 167 8.45 14.59 -3.38
CA SER B 167 7.32 15.09 -4.15
C SER B 167 7.47 14.71 -5.62
N GLY B 168 6.36 14.46 -6.28
CA GLY B 168 6.40 14.11 -7.69
C GLY B 168 6.83 12.67 -7.91
N VAL B 169 6.83 11.88 -6.85
CA VAL B 169 7.22 10.47 -6.91
C VAL B 169 6.02 9.53 -6.94
N HIS B 170 6.07 8.56 -7.84
CA HIS B 170 5.01 7.57 -7.96
C HIS B 170 5.64 6.19 -7.99
N THR B 171 5.43 5.41 -6.94
CA THR B 171 5.97 4.06 -6.93
C THR B 171 4.75 3.16 -7.12
N PHE B 172 4.77 2.42 -8.21
CA PHE B 172 3.65 1.56 -8.57
C PHE B 172 3.62 0.22 -7.86
N PRO B 173 2.41 -0.33 -7.66
CA PRO B 173 2.26 -1.62 -6.99
C PRO B 173 2.99 -2.66 -7.82
N ALA B 174 3.59 -3.64 -7.17
CA ALA B 174 4.33 -4.67 -7.88
C ALA B 174 3.42 -5.67 -8.58
N VAL B 175 3.91 -6.25 -9.67
CA VAL B 175 3.16 -7.25 -10.41
C VAL B 175 3.93 -8.57 -10.27
N LEU B 176 3.21 -9.61 -9.91
CA LEU B 176 3.79 -10.94 -9.71
C LEU B 176 3.70 -11.80 -10.96
N GLN B 177 4.76 -12.56 -11.22
CA GLN B 177 4.80 -13.44 -12.38
C GLN B 177 5.95 -14.42 -12.23
N SER B 178 5.65 -15.71 -12.41
CA SER B 178 6.66 -16.75 -12.29
C SER B 178 7.37 -16.66 -10.94
N ASP B 179 6.60 -16.47 -9.88
CA ASP B 179 7.13 -16.35 -8.53
C ASP B 179 8.14 -15.21 -8.35
N LEU B 180 8.03 -14.19 -9.20
CA LEU B 180 8.91 -13.02 -9.10
C LEU B 180 8.13 -11.72 -9.32
N TYR B 181 8.43 -10.72 -8.50
CA TYR B 181 7.77 -9.43 -8.58
C TYR B 181 8.58 -8.41 -9.37
N THR B 182 7.89 -7.46 -9.97
CA THR B 182 8.53 -6.38 -10.71
C THR B 182 7.76 -5.13 -10.37
N LEU B 183 8.48 -4.06 -10.10
CA LEU B 183 7.86 -2.81 -9.73
C LEU B 183 8.62 -1.67 -10.36
N THR B 184 7.95 -0.53 -10.51
CA THR B 184 8.61 0.64 -11.08
C THR B 184 8.28 1.87 -10.24
N SER B 185 9.14 2.87 -10.32
CA SER B 185 8.94 4.13 -9.60
C SER B 185 9.35 5.26 -10.52
N SER B 186 8.50 6.26 -10.62
CA SER B 186 8.84 7.40 -11.46
C SER B 186 8.97 8.62 -10.58
N VAL B 187 9.77 9.57 -11.01
CA VAL B 187 9.94 10.83 -10.30
C VAL B 187 10.00 11.93 -11.35
N THR B 188 9.24 12.99 -11.12
CA THR B 188 9.22 14.10 -12.05
C THR B 188 9.82 15.33 -11.39
N VAL B 189 10.76 15.96 -12.08
CA VAL B 189 11.44 17.14 -11.56
C VAL B 189 11.69 18.15 -12.68
N PRO B 190 11.94 19.42 -12.34
CA PRO B 190 12.20 20.46 -13.34
C PRO B 190 13.41 20.10 -14.22
N SER B 191 13.34 20.47 -15.50
CA SER B 191 14.43 20.18 -16.42
C SER B 191 15.72 20.87 -15.96
N SER B 192 15.59 21.74 -14.97
CA SER B 192 16.74 22.46 -14.44
C SER B 192 17.41 21.71 -13.29
N THR B 193 16.68 20.81 -12.65
CA THR B 193 17.25 20.05 -11.54
C THR B 193 18.08 18.88 -12.03
N TRP B 194 17.66 18.27 -13.14
CA TRP B 194 18.38 17.12 -13.70
C TRP B 194 18.71 17.39 -15.17
N PRO B 195 19.93 16.99 -15.62
CA PRO B 195 21.01 16.31 -14.89
C PRO B 195 21.91 17.19 -14.03
N SER B 196 21.59 18.47 -13.91
CA SER B 196 22.39 19.39 -13.11
C SER B 196 22.64 18.81 -11.72
N GLN B 197 21.57 18.35 -11.09
CA GLN B 197 21.64 17.75 -9.75
C GLN B 197 21.55 16.24 -9.91
N THR B 198 22.18 15.51 -9.01
CA THR B 198 22.15 14.07 -9.08
C THR B 198 20.80 13.54 -8.57
N VAL B 199 20.29 12.51 -9.25
CA VAL B 199 19.05 11.88 -8.86
C VAL B 199 19.37 10.39 -8.78
N THR B 200 19.15 9.83 -7.61
CA THR B 200 19.44 8.43 -7.34
C THR B 200 18.28 7.71 -6.68
N CYS B 201 17.97 6.49 -7.15
CA CYS B 201 16.89 5.76 -6.50
C CYS B 201 17.56 4.74 -5.58
N ASN B 202 17.05 4.70 -4.35
CA ASN B 202 17.58 3.78 -3.34
C ASN B 202 16.58 2.66 -3.13
N VAL B 203 17.02 1.44 -3.35
CA VAL B 203 16.14 0.30 -3.22
C VAL B 203 16.63 -0.65 -2.16
N ALA B 204 15.72 -1.11 -1.31
CA ALA B 204 16.07 -2.04 -0.26
C ALA B 204 15.13 -3.24 -0.33
N HIS B 205 15.70 -4.43 -0.15
CA HIS B 205 14.92 -5.67 -0.15
C HIS B 205 15.30 -6.39 1.14
N PRO B 206 14.54 -6.14 2.22
CA PRO B 206 14.78 -6.75 3.55
C PRO B 206 14.96 -8.25 3.54
N ALA B 207 14.10 -8.95 2.80
CA ALA B 207 14.14 -10.41 2.75
C ALA B 207 15.49 -10.97 2.31
N SER B 208 16.18 -10.25 1.43
CA SER B 208 17.49 -10.69 0.97
C SER B 208 18.62 -9.87 1.60
N SER B 209 18.25 -8.96 2.51
CA SER B 209 19.22 -8.09 3.18
C SER B 209 20.07 -7.34 2.15
N THR B 210 19.45 -6.98 1.04
CA THR B 210 20.13 -6.28 -0.05
C THR B 210 19.70 -4.83 -0.20
N LYS B 211 20.65 -3.99 -0.59
CA LYS B 211 20.40 -2.57 -0.83
C LYS B 211 21.13 -2.18 -2.10
N VAL B 212 20.45 -1.43 -2.97
CA VAL B 212 21.05 -0.97 -4.21
C VAL B 212 20.77 0.51 -4.41
N ASP B 213 21.76 1.26 -4.84
CA ASP B 213 21.60 2.70 -5.12
C ASP B 213 21.95 2.95 -6.58
N LYS B 214 20.95 3.25 -7.40
CA LYS B 214 21.17 3.50 -8.81
C LYS B 214 21.05 4.97 -9.20
N LYS B 215 22.16 5.57 -9.61
CA LYS B 215 22.13 6.97 -10.04
C LYS B 215 21.57 6.99 -11.46
N ILE B 216 20.69 7.95 -11.75
CA ILE B 216 20.12 8.07 -13.09
C ILE B 216 21.01 9.00 -13.89
N VAL B 217 21.62 8.47 -14.95
CA VAL B 217 22.52 9.25 -15.79
C VAL B 217 21.99 9.40 -17.22
N PRO B 218 22.21 10.57 -17.83
CA PRO B 218 21.75 10.83 -19.21
C PRO B 218 22.21 9.75 -20.18
N ARG B 219 21.38 9.46 -21.18
CA ARG B 219 21.68 8.46 -22.20
C ARG B 219 22.90 8.86 -23.02
#